data_2M8O
#
_entry.id   2M8O
#
_entity_poly.entity_id   1
_entity_poly.type   'polypeptide(L)'
_entity_poly.pdbx_seq_one_letter_code
;NEQELLELDKWASLWNWFNITNWLWYIK
;
_entity_poly.pdbx_strand_id   A
#
# COMPACT_ATOMS: atom_id res chain seq x y z
N ASN A 1 3.57 6.08 18.10
CA ASN A 1 3.67 7.16 17.08
C ASN A 1 5.08 7.26 16.46
N GLU A 2 6.15 7.44 17.25
CA GLU A 2 7.54 7.53 16.71
C GLU A 2 7.98 6.30 15.90
N GLN A 3 7.54 5.09 16.29
CA GLN A 3 7.83 3.84 15.56
C GLN A 3 7.21 3.86 14.15
N GLU A 4 5.89 4.07 14.05
CA GLU A 4 5.20 4.16 12.74
C GLU A 4 5.71 5.31 11.86
N LEU A 5 6.21 6.40 12.44
CA LEU A 5 6.81 7.53 11.72
C LEU A 5 7.99 7.12 10.81
N LEU A 6 8.75 6.10 11.21
CA LEU A 6 9.86 5.51 10.44
C LEU A 6 9.38 4.40 9.49
N GLU A 7 8.40 3.60 9.92
CA GLU A 7 7.75 2.56 9.11
C GLU A 7 6.76 3.12 8.06
N LEU A 8 6.56 4.44 7.98
CA LEU A 8 5.62 5.08 7.05
C LEU A 8 5.82 4.66 5.58
N ASP A 9 7.07 4.39 5.17
CA ASP A 9 7.40 3.87 3.83
C ASP A 9 6.86 2.45 3.58
N LYS A 10 6.81 1.60 4.62
CA LYS A 10 6.23 0.24 4.60
C LYS A 10 4.70 0.32 4.47
N TRP A 11 4.07 1.26 5.18
CA TRP A 11 2.63 1.51 5.06
C TRP A 11 2.22 2.23 3.77
N ALA A 12 3.10 3.04 3.18
CA ALA A 12 2.87 3.73 1.92
C ALA A 12 2.55 2.75 0.78
N SER A 13 3.31 1.65 0.67
CA SER A 13 3.04 0.58 -0.30
C SER A 13 1.79 -0.25 0.03
N LEU A 14 1.41 -0.39 1.31
CA LEU A 14 0.22 -1.12 1.75
C LEU A 14 -1.06 -0.43 1.29
N TRP A 15 -1.28 0.85 1.61
CA TRP A 15 -2.48 1.54 1.13
C TRP A 15 -2.43 1.74 -0.40
N ASN A 16 -1.25 1.95 -0.99
CA ASN A 16 -1.09 2.03 -2.45
C ASN A 16 -1.46 0.73 -3.18
N TRP A 17 -1.30 -0.46 -2.56
CA TRP A 17 -1.73 -1.72 -3.16
C TRP A 17 -3.22 -1.73 -3.54
N PHE A 18 -4.10 -1.11 -2.75
CA PHE A 18 -5.53 -0.99 -3.05
C PHE A 18 -5.80 -0.28 -4.40
N ASN A 19 -4.84 0.51 -4.89
CA ASN A 19 -4.90 1.16 -6.19
C ASN A 19 -4.59 0.17 -7.33
N ILE A 20 -3.49 -0.58 -7.25
CA ILE A 20 -3.10 -1.59 -8.26
C ILE A 20 -3.88 -2.91 -8.16
N THR A 21 -4.46 -3.26 -7.01
CA THR A 21 -5.32 -4.46 -6.86
C THR A 21 -6.50 -4.45 -7.84
N ASN A 22 -6.93 -3.25 -8.24
CA ASN A 22 -7.97 -3.09 -9.26
C ASN A 22 -7.49 -3.52 -10.65
N TRP A 23 -6.21 -3.33 -11.00
CA TRP A 23 -5.61 -3.66 -12.30
C TRP A 23 -5.58 -5.17 -12.54
N LEU A 24 -4.89 -5.90 -11.65
CA LEU A 24 -4.82 -7.36 -11.66
C LEU A 24 -6.22 -8.01 -11.65
N TRP A 25 -7.12 -7.58 -10.76
CA TRP A 25 -8.51 -8.06 -10.74
C TRP A 25 -9.28 -7.71 -12.03
N TYR A 26 -9.05 -6.52 -12.62
CA TYR A 26 -9.65 -6.11 -13.90
C TYR A 26 -9.26 -7.04 -15.07
N ILE A 27 -7.96 -7.35 -15.25
CA ILE A 27 -7.50 -8.24 -16.33
C ILE A 27 -7.85 -9.72 -16.11
N LYS A 28 -7.99 -10.16 -14.84
CA LYS A 28 -8.44 -11.51 -14.43
C LYS A 28 -9.94 -11.77 -14.65
N ASN A 1 4.74 5.92 20.28
CA ASN A 1 4.33 5.74 18.86
C ASN A 1 5.18 6.55 17.86
N GLU A 2 6.43 6.91 18.17
CA GLU A 2 7.33 7.60 17.21
C GLU A 2 7.89 6.69 16.12
N GLN A 3 8.00 5.38 16.39
CA GLN A 3 8.56 4.38 15.45
C GLN A 3 7.67 4.17 14.22
N GLU A 4 6.39 4.55 14.29
CA GLU A 4 5.45 4.51 13.16
C GLU A 4 5.85 5.51 12.06
N LEU A 5 6.41 6.67 12.41
CA LEU A 5 6.91 7.67 11.45
C LEU A 5 8.04 7.13 10.55
N LEU A 6 8.76 6.08 11.00
CA LEU A 6 9.79 5.38 10.23
C LEU A 6 9.18 4.28 9.34
N GLU A 7 8.11 3.64 9.80
CA GLU A 7 7.32 2.63 9.08
C GLU A 7 6.40 3.24 8.00
N LEU A 8 6.32 4.58 7.87
CA LEU A 8 5.52 5.26 6.83
C LEU A 8 5.77 4.70 5.42
N ASP A 9 7.00 4.33 5.07
CA ASP A 9 7.34 3.72 3.78
C ASP A 9 6.70 2.32 3.59
N LYS A 10 6.58 1.54 4.66
CA LYS A 10 5.90 0.23 4.70
C LYS A 10 4.41 0.41 4.46
N TRP A 11 3.79 1.38 5.14
CA TRP A 11 2.38 1.74 4.97
C TRP A 11 2.05 2.41 3.63
N ALA A 12 3.00 3.16 3.06
CA ALA A 12 2.85 3.80 1.75
C ALA A 12 2.53 2.78 0.64
N SER A 13 3.19 1.62 0.65
CA SER A 13 2.91 0.52 -0.27
C SER A 13 1.60 -0.22 0.07
N LEU A 14 1.20 -0.27 1.34
CA LEU A 14 -0.06 -0.91 1.78
C LEU A 14 -1.29 -0.19 1.21
N TRP A 15 -1.45 1.12 1.42
CA TRP A 15 -2.58 1.84 0.84
C TRP A 15 -2.46 1.95 -0.70
N ASN A 16 -1.24 2.05 -1.24
CA ASN A 16 -1.00 2.06 -2.69
C ASN A 16 -1.41 0.74 -3.37
N TRP A 17 -1.35 -0.41 -2.69
CA TRP A 17 -1.83 -1.69 -3.24
C TRP A 17 -3.29 -1.63 -3.69
N PHE A 18 -4.17 -0.92 -2.96
CA PHE A 18 -5.58 -0.73 -3.35
C PHE A 18 -5.74 -0.10 -4.74
N ASN A 19 -4.71 0.62 -5.23
CA ASN A 19 -4.68 1.19 -6.57
C ASN A 19 -4.39 0.12 -7.64
N ILE A 20 -3.33 -0.70 -7.46
CA ILE A 20 -2.97 -1.79 -8.39
C ILE A 20 -3.85 -3.04 -8.25
N THR A 21 -4.51 -3.27 -7.11
CA THR A 21 -5.45 -4.39 -6.92
C THR A 21 -6.58 -4.37 -7.95
N ASN A 22 -6.93 -3.18 -8.46
CA ASN A 22 -7.90 -3.02 -9.52
C ASN A 22 -7.38 -3.57 -10.87
N TRP A 23 -6.07 -3.47 -11.16
CA TRP A 23 -5.44 -3.92 -12.41
C TRP A 23 -5.49 -5.44 -12.55
N LEU A 24 -4.90 -6.16 -11.60
CA LEU A 24 -4.94 -7.62 -11.54
C LEU A 24 -6.37 -8.17 -11.57
N TRP A 25 -7.28 -7.64 -10.73
CA TRP A 25 -8.70 -8.03 -10.76
C TRP A 25 -9.39 -7.69 -12.10
N TYR A 26 -9.05 -6.57 -12.75
CA TYR A 26 -9.56 -6.19 -14.08
C TYR A 26 -9.19 -7.22 -15.16
N ILE A 27 -7.91 -7.58 -15.28
CA ILE A 27 -7.45 -8.56 -16.30
C ILE A 27 -7.91 -10.00 -16.01
N LYS A 28 -8.18 -10.34 -14.74
CA LYS A 28 -8.64 -11.66 -14.27
C LYS A 28 -9.96 -12.12 -14.94
N ASN A 1 4.11 5.49 18.44
CA ASN A 1 4.33 6.95 18.25
C ASN A 1 5.47 7.20 17.25
N GLU A 2 6.74 6.99 17.63
CA GLU A 2 7.89 7.13 16.72
C GLU A 2 8.10 5.94 15.76
N GLN A 3 7.66 4.74 16.15
CA GLN A 3 7.72 3.51 15.33
C GLN A 3 7.00 3.70 13.99
N GLU A 4 5.71 4.04 14.02
CA GLU A 4 4.91 4.32 12.81
C GLU A 4 5.50 5.45 11.95
N LEU A 5 6.13 6.46 12.56
CA LEU A 5 6.77 7.60 11.87
C LEU A 5 7.98 7.19 11.01
N LEU A 6 8.61 6.06 11.33
CA LEU A 6 9.72 5.45 10.57
C LEU A 6 9.19 4.40 9.58
N GLU A 7 8.14 3.66 9.95
CA GLU A 7 7.43 2.69 9.11
C GLU A 7 6.52 3.32 8.04
N LEU A 8 6.42 4.66 7.93
CA LEU A 8 5.57 5.32 6.94
C LEU A 8 5.81 4.82 5.50
N ASP A 9 7.05 4.47 5.15
CA ASP A 9 7.41 3.89 3.84
C ASP A 9 6.78 2.50 3.60
N LYS A 10 6.70 1.65 4.64
CA LYS A 10 6.03 0.34 4.63
C LYS A 10 4.52 0.51 4.42
N TRP A 11 3.90 1.41 5.18
CA TRP A 11 2.47 1.73 5.04
C TRP A 11 2.12 2.46 3.73
N ALA A 12 3.04 3.26 3.18
CA ALA A 12 2.87 3.93 1.89
C ALA A 12 2.64 2.93 0.75
N SER A 13 3.36 1.80 0.74
CA SER A 13 3.14 0.74 -0.25
C SER A 13 1.85 -0.06 0.02
N LEU A 14 1.41 -0.16 1.29
CA LEU A 14 0.20 -0.87 1.68
C LEU A 14 -1.06 -0.17 1.14
N TRP A 15 -1.26 1.12 1.42
CA TRP A 15 -2.41 1.83 0.87
C TRP A 15 -2.33 1.94 -0.67
N ASN A 16 -1.13 2.09 -1.24
CA ASN A 16 -0.95 2.09 -2.70
C ASN A 16 -1.36 0.75 -3.37
N TRP A 17 -1.27 -0.40 -2.68
CA TRP A 17 -1.74 -1.68 -3.22
C TRP A 17 -3.22 -1.64 -3.62
N PHE A 18 -4.09 -0.97 -2.86
CA PHE A 18 -5.51 -0.81 -3.19
C PHE A 18 -5.74 -0.15 -4.58
N ASN A 19 -4.76 0.60 -5.07
CA ASN A 19 -4.79 1.20 -6.40
C ASN A 19 -4.48 0.16 -7.50
N ILE A 20 -3.39 -0.61 -7.37
CA ILE A 20 -3.02 -1.66 -8.33
C ILE A 20 -3.84 -2.95 -8.20
N THR A 21 -4.46 -3.26 -7.06
CA THR A 21 -5.34 -4.43 -6.90
C THR A 21 -6.50 -4.42 -7.89
N ASN A 22 -6.92 -3.23 -8.33
CA ASN A 22 -7.95 -3.08 -9.36
C ASN A 22 -7.45 -3.56 -10.74
N TRP A 23 -6.15 -3.42 -11.07
CA TRP A 23 -5.55 -3.83 -12.35
C TRP A 23 -5.56 -5.34 -12.52
N LEU A 24 -4.92 -6.06 -11.60
CA LEU A 24 -4.89 -7.52 -11.56
C LEU A 24 -6.31 -8.12 -11.54
N TRP A 25 -7.22 -7.63 -10.68
CA TRP A 25 -8.62 -8.07 -10.66
C TRP A 25 -9.36 -7.75 -11.97
N TYR A 26 -9.08 -6.61 -12.62
CA TYR A 26 -9.63 -6.23 -13.93
C TYR A 26 -9.26 -7.24 -15.04
N ILE A 27 -7.97 -7.61 -15.19
CA ILE A 27 -7.52 -8.56 -16.22
C ILE A 27 -7.90 -10.02 -15.94
N LYS A 28 -8.15 -10.38 -14.68
CA LYS A 28 -8.58 -11.71 -14.21
C LYS A 28 -9.91 -12.18 -14.84
N ASN A 1 8.84 4.56 20.77
CA ASN A 1 7.90 4.55 19.61
C ASN A 1 8.41 5.38 18.41
N GLU A 2 9.71 5.29 18.04
CA GLU A 2 10.24 5.97 16.83
C GLU A 2 9.67 5.36 15.54
N GLN A 3 9.74 4.02 15.44
CA GLN A 3 9.29 3.23 14.29
C GLN A 3 7.80 3.47 13.93
N GLU A 4 6.95 3.75 14.92
CA GLU A 4 5.53 4.09 14.76
C GLU A 4 5.33 5.33 13.89
N LEU A 5 5.99 6.45 14.24
CA LEU A 5 5.94 7.70 13.45
C LEU A 5 6.52 7.49 12.03
N LEU A 6 7.50 6.58 11.92
CA LEU A 6 8.21 6.22 10.69
C LEU A 6 7.50 5.13 9.86
N GLU A 7 6.31 4.65 10.25
CA GLU A 7 5.50 3.69 9.47
C GLU A 7 4.97 4.27 8.14
N LEU A 8 5.26 5.53 7.79
CA LEU A 8 4.86 6.13 6.52
C LEU A 8 5.22 5.25 5.30
N ASP A 9 6.36 4.56 5.31
CA ASP A 9 6.77 3.61 4.28
C ASP A 9 5.86 2.37 4.20
N LYS A 10 5.37 1.88 5.35
CA LYS A 10 4.41 0.75 5.48
C LYS A 10 3.05 1.18 4.92
N TRP A 11 2.56 2.37 5.28
CA TRP A 11 1.31 2.93 4.76
C TRP A 11 1.38 3.35 3.29
N ALA A 12 2.55 3.75 2.79
CA ALA A 12 2.76 4.09 1.38
C ALA A 12 2.34 2.93 0.45
N SER A 13 2.77 1.70 0.76
CA SER A 13 2.38 0.49 0.03
C SER A 13 0.91 0.09 0.27
N LEU A 14 0.30 0.42 1.41
CA LEU A 14 -1.11 0.16 1.69
C LEU A 14 -2.03 0.94 0.73
N TRP A 15 -1.90 2.27 0.66
CA TRP A 15 -2.73 3.05 -0.28
C TRP A 15 -2.33 2.78 -1.75
N ASN A 16 -1.06 2.52 -2.03
CA ASN A 16 -0.60 2.15 -3.38
C ASN A 16 -1.19 0.81 -3.87
N TRP A 17 -1.51 -0.14 -2.98
CA TRP A 17 -2.18 -1.39 -3.37
C TRP A 17 -3.50 -1.15 -4.13
N PHE A 18 -4.29 -0.14 -3.76
CA PHE A 18 -5.54 0.23 -4.46
C PHE A 18 -5.32 0.54 -5.95
N ASN A 19 -4.10 0.92 -6.34
CA ASN A 19 -3.70 1.16 -7.72
C ASN A 19 -3.50 -0.17 -8.48
N ILE A 20 -2.71 -1.12 -7.94
CA ILE A 20 -2.46 -2.43 -8.55
C ILE A 20 -3.62 -3.43 -8.37
N THR A 21 -4.48 -3.28 -7.35
CA THR A 21 -5.67 -4.13 -7.17
C THR A 21 -6.59 -4.12 -8.39
N ASN A 22 -6.56 -3.03 -9.16
CA ASN A 22 -7.29 -2.90 -10.41
C ASN A 22 -6.72 -3.85 -11.49
N TRP A 23 -5.39 -4.05 -11.55
CA TRP A 23 -4.69 -4.89 -12.53
C TRP A 23 -5.07 -6.36 -12.40
N LEU A 24 -4.82 -6.95 -11.22
CA LEU A 24 -5.21 -8.33 -10.90
C LEU A 24 -6.70 -8.57 -11.13
N TRP A 25 -7.59 -7.72 -10.59
CA TRP A 25 -9.03 -7.82 -10.85
C TRP A 25 -9.41 -7.68 -12.34
N TYR A 26 -8.71 -6.82 -13.10
CA TYR A 26 -8.89 -6.65 -14.55
C TYR A 26 -8.60 -7.95 -15.33
N ILE A 27 -7.45 -8.60 -15.10
CA ILE A 27 -7.09 -9.84 -15.82
C ILE A 27 -7.90 -11.07 -15.36
N LYS A 28 -8.36 -11.09 -14.10
CA LYS A 28 -9.17 -12.16 -13.48
C LYS A 28 -10.67 -12.11 -13.84
N ASN A 1 4.02 5.87 18.07
CA ASN A 1 4.11 7.34 17.85
C ASN A 1 5.30 7.68 16.94
N GLU A 2 6.54 7.55 17.43
CA GLU A 2 7.77 7.84 16.66
C GLU A 2 8.26 6.63 15.83
N GLN A 3 8.12 5.40 16.35
CA GLN A 3 8.44 4.15 15.63
C GLN A 3 7.62 4.01 14.34
N GLU A 4 6.29 4.13 14.42
CA GLU A 4 5.40 4.06 13.24
C GLU A 4 5.75 5.11 12.17
N LEU A 5 6.25 6.29 12.58
CA LEU A 5 6.68 7.37 11.68
C LEU A 5 7.84 6.95 10.76
N LEU A 6 8.66 5.98 11.18
CA LEU A 6 9.75 5.39 10.40
C LEU A 6 9.23 4.27 9.47
N GLU A 7 8.19 3.54 9.90
CA GLU A 7 7.49 2.51 9.12
C GLU A 7 6.49 3.09 8.11
N LEU A 8 6.32 4.42 8.02
CA LEU A 8 5.45 5.09 7.03
C LEU A 8 5.70 4.60 5.59
N ASP A 9 6.95 4.33 5.20
CA ASP A 9 7.29 3.76 3.88
C ASP A 9 6.70 2.35 3.66
N LYS A 10 6.67 1.51 4.71
CA LYS A 10 6.04 0.17 4.68
C LYS A 10 4.53 0.31 4.46
N TRP A 11 3.89 1.25 5.18
CA TRP A 11 2.45 1.53 5.05
C TRP A 11 2.08 2.25 3.75
N ALA A 12 2.98 3.05 3.18
CA ALA A 12 2.78 3.76 1.92
C ALA A 12 2.45 2.78 0.78
N SER A 13 3.16 1.65 0.71
CA SER A 13 2.89 0.60 -0.27
C SER A 13 1.64 -0.24 0.05
N LEU A 14 1.26 -0.38 1.34
CA LEU A 14 0.05 -1.09 1.77
C LEU A 14 -1.21 -0.40 1.26
N TRP A 15 -1.42 0.89 1.56
CA TRP A 15 -2.60 1.60 1.04
C TRP A 15 -2.51 1.78 -0.50
N ASN A 16 -1.31 1.94 -1.05
CA ASN A 16 -1.10 2.03 -2.50
C ASN A 16 -1.48 0.72 -3.25
N TRP A 17 -1.35 -0.45 -2.61
CA TRP A 17 -1.79 -1.73 -3.20
C TRP A 17 -3.27 -1.71 -3.60
N PHE A 18 -4.15 -1.06 -2.82
CA PHE A 18 -5.57 -0.90 -3.17
C PHE A 18 -5.78 -0.21 -4.52
N ASN A 19 -4.80 0.56 -5.01
CA ASN A 19 -4.84 1.19 -6.33
C ASN A 19 -4.54 0.16 -7.45
N ILE A 20 -3.44 -0.62 -7.34
CA ILE A 20 -3.06 -1.65 -8.31
C ILE A 20 -3.89 -2.95 -8.22
N THR A 21 -4.51 -3.27 -7.06
CA THR A 21 -5.39 -4.44 -6.92
C THR A 21 -6.53 -4.42 -7.95
N ASN A 22 -6.97 -3.23 -8.37
CA ASN A 22 -7.96 -3.07 -9.42
C ASN A 22 -7.43 -3.51 -10.79
N TRP A 23 -6.13 -3.38 -11.09
CA TRP A 23 -5.50 -3.75 -12.37
C TRP A 23 -5.50 -5.25 -12.58
N LEU A 24 -4.86 -5.99 -11.66
CA LEU A 24 -4.85 -7.46 -11.66
C LEU A 24 -6.27 -8.05 -11.68
N TRP A 25 -7.17 -7.60 -10.79
CA TRP A 25 -8.57 -8.03 -10.81
C TRP A 25 -9.33 -7.65 -12.10
N TYR A 26 -8.99 -6.51 -12.73
CA TYR A 26 -9.57 -6.09 -14.02
C TYR A 26 -9.21 -7.08 -15.16
N ILE A 27 -7.91 -7.40 -15.33
CA ILE A 27 -7.45 -8.30 -16.41
C ILE A 27 -7.84 -9.77 -16.18
N LYS A 28 -7.94 -10.23 -14.91
CA LYS A 28 -8.31 -11.61 -14.53
C LYS A 28 -9.82 -11.88 -14.50
N ASN A 1 4.12 6.25 18.60
CA ASN A 1 4.06 7.05 17.34
C ASN A 1 5.38 7.04 16.56
N GLU A 2 6.55 7.28 17.18
CA GLU A 2 7.87 7.27 16.50
C GLU A 2 8.15 6.01 15.66
N GLN A 3 7.75 4.83 16.15
CA GLN A 3 7.85 3.54 15.44
C GLN A 3 7.09 3.59 14.09
N GLU A 4 5.87 4.12 14.08
CA GLU A 4 5.10 4.30 12.85
C GLU A 4 5.67 5.40 11.95
N LEU A 5 6.20 6.50 12.53
CA LEU A 5 6.81 7.62 11.78
C LEU A 5 7.99 7.20 10.89
N LEU A 6 8.64 6.07 11.21
CA LEU A 6 9.75 5.46 10.46
C LEU A 6 9.23 4.37 9.50
N GLU A 7 8.20 3.63 9.90
CA GLU A 7 7.50 2.62 9.09
C GLU A 7 6.54 3.23 8.04
N LEU A 8 6.40 4.56 7.93
CA LEU A 8 5.51 5.20 6.95
C LEU A 8 5.77 4.73 5.51
N ASP A 9 7.02 4.41 5.14
CA ASP A 9 7.38 3.85 3.84
C ASP A 9 6.79 2.44 3.60
N LYS A 10 6.72 1.60 4.64
CA LYS A 10 6.10 0.27 4.65
C LYS A 10 4.58 0.41 4.45
N TRP A 11 3.95 1.31 5.21
CA TRP A 11 2.51 1.60 5.10
C TRP A 11 2.12 2.32 3.79
N ALA A 12 3.01 3.12 3.22
CA ALA A 12 2.81 3.80 1.94
C ALA A 12 2.51 2.80 0.80
N SER A 13 3.22 1.66 0.77
CA SER A 13 2.95 0.59 -0.20
C SER A 13 1.66 -0.19 0.11
N LEU A 14 1.29 -0.33 1.40
CA LEU A 14 0.07 -1.03 1.83
C LEU A 14 -1.19 -0.34 1.32
N TRP A 15 -1.39 0.97 1.60
CA TRP A 15 -2.57 1.66 1.06
C TRP A 15 -2.49 1.84 -0.46
N ASN A 16 -1.28 2.01 -1.03
CA ASN A 16 -1.09 2.07 -2.48
C ASN A 16 -1.47 0.76 -3.20
N TRP A 17 -1.34 -0.40 -2.57
CA TRP A 17 -1.78 -1.68 -3.16
C TRP A 17 -3.26 -1.66 -3.56
N PHE A 18 -4.14 -1.01 -2.81
CA PHE A 18 -5.57 -0.85 -3.15
C PHE A 18 -5.78 -0.18 -4.52
N ASN A 19 -4.79 0.58 -5.01
CA ASN A 19 -4.81 1.20 -6.33
C ASN A 19 -4.51 0.15 -7.44
N ILE A 20 -3.42 -0.62 -7.30
CA ILE A 20 -3.04 -1.67 -8.26
C ILE A 20 -3.86 -2.96 -8.15
N THR A 21 -4.49 -3.27 -7.01
CA THR A 21 -5.39 -4.43 -6.84
C THR A 21 -6.52 -4.42 -7.87
N ASN A 22 -6.93 -3.23 -8.31
CA ASN A 22 -7.92 -3.05 -9.35
C ASN A 22 -7.39 -3.56 -10.72
N TRP A 23 -6.11 -3.35 -11.04
CA TRP A 23 -5.47 -3.73 -12.31
C TRP A 23 -5.48 -5.25 -12.51
N LEU A 24 -4.84 -5.98 -11.59
CA LEU A 24 -4.83 -7.44 -11.59
C LEU A 24 -6.24 -8.04 -11.60
N TRP A 25 -7.15 -7.61 -10.71
CA TRP A 25 -8.55 -8.05 -10.74
C TRP A 25 -9.28 -7.71 -12.06
N TYR A 26 -9.01 -6.56 -12.68
CA TYR A 26 -9.55 -6.16 -13.97
C TYR A 26 -9.17 -7.11 -15.11
N ILE A 27 -7.87 -7.46 -15.25
CA ILE A 27 -7.39 -8.37 -16.30
C ILE A 27 -7.73 -9.86 -16.03
N LYS A 28 -7.93 -10.25 -14.76
CA LYS A 28 -8.41 -11.57 -14.31
C LYS A 28 -9.88 -11.86 -14.65
N ASN A 1 4.29 5.34 18.68
CA ASN A 1 4.06 6.70 18.12
C ASN A 1 5.24 7.19 17.26
N GLU A 2 6.49 7.11 17.73
CA GLU A 2 7.69 7.46 16.93
C GLU A 2 8.11 6.36 15.93
N GLN A 3 7.79 5.09 16.22
CA GLN A 3 8.13 3.93 15.37
C GLN A 3 7.35 3.96 14.03
N GLU A 4 6.04 4.19 14.09
CA GLU A 4 5.16 4.30 12.91
C GLU A 4 5.62 5.40 11.93
N LEU A 5 6.20 6.51 12.42
CA LEU A 5 6.78 7.58 11.62
C LEU A 5 7.95 7.14 10.73
N LEU A 6 8.70 6.09 11.13
CA LEU A 6 9.77 5.48 10.33
C LEU A 6 9.22 4.38 9.42
N GLU A 7 8.21 3.63 9.89
CA GLU A 7 7.49 2.60 9.11
C GLU A 7 6.52 3.20 8.07
N LEU A 8 6.39 4.51 7.96
CA LEU A 8 5.53 5.20 6.98
C LEU A 8 5.76 4.72 5.53
N ASP A 9 7.00 4.38 5.15
CA ASP A 9 7.35 3.80 3.85
C ASP A 9 6.74 2.40 3.63
N LYS A 10 6.68 1.57 4.69
CA LYS A 10 6.04 0.24 4.68
C LYS A 10 4.52 0.39 4.49
N TRP A 11 3.90 1.34 5.18
CA TRP A 11 2.48 1.68 5.02
C TRP A 11 2.12 2.37 3.70
N ALA A 12 3.05 3.14 3.12
CA ALA A 12 2.87 3.81 1.83
C ALA A 12 2.52 2.80 0.72
N SER A 13 3.23 1.67 0.66
CA SER A 13 2.94 0.58 -0.27
C SER A 13 1.67 -0.21 0.09
N LEU A 14 1.29 -0.29 1.38
CA LEU A 14 0.06 -0.95 1.82
C LEU A 14 -1.20 -0.26 1.28
N TRP A 15 -1.38 1.05 1.51
CA TRP A 15 -2.53 1.75 0.96
C TRP A 15 -2.44 1.90 -0.57
N ASN A 16 -1.24 2.05 -1.13
CA ASN A 16 -1.03 2.09 -2.58
C ASN A 16 -1.42 0.78 -3.28
N TRP A 17 -1.32 -0.39 -2.62
CA TRP A 17 -1.78 -1.67 -3.20
C TRP A 17 -3.24 -1.63 -3.62
N PHE A 18 -4.12 -0.95 -2.88
CA PHE A 18 -5.55 -0.79 -3.25
C PHE A 18 -5.75 -0.13 -4.62
N ASN A 19 -4.76 0.61 -5.11
CA ASN A 19 -4.76 1.21 -6.44
C ASN A 19 -4.46 0.15 -7.53
N ILE A 20 -3.38 -0.63 -7.39
CA ILE A 20 -3.00 -1.70 -8.34
C ILE A 20 -3.85 -2.98 -8.21
N THR A 21 -4.47 -3.25 -7.06
CA THR A 21 -5.38 -4.40 -6.88
C THR A 21 -6.53 -4.38 -7.88
N ASN A 22 -6.90 -3.19 -8.37
CA ASN A 22 -7.91 -3.03 -9.41
C ASN A 22 -7.41 -3.55 -10.77
N TRP A 23 -6.11 -3.42 -11.08
CA TRP A 23 -5.48 -3.82 -12.35
C TRP A 23 -5.51 -5.33 -12.53
N LEU A 24 -4.88 -6.05 -11.60
CA LEU A 24 -4.88 -7.52 -11.56
C LEU A 24 -6.32 -8.09 -11.57
N TRP A 25 -7.21 -7.62 -10.70
CA TRP A 25 -8.62 -8.02 -10.71
C TRP A 25 -9.35 -7.68 -12.04
N TYR A 26 -9.03 -6.54 -12.68
CA TYR A 26 -9.58 -6.15 -13.98
C TYR A 26 -9.21 -7.16 -15.09
N ILE A 27 -7.92 -7.53 -15.23
CA ILE A 27 -7.47 -8.48 -16.27
C ILE A 27 -7.87 -9.94 -15.99
N LYS A 28 -8.02 -10.32 -14.71
CA LYS A 28 -8.48 -11.66 -14.26
C LYS A 28 -9.92 -12.00 -14.68
N ASN A 1 3.47 6.96 18.75
CA ASN A 1 3.65 6.30 17.42
C ASN A 1 5.01 6.66 16.76
N GLU A 2 6.10 6.83 17.52
CA GLU A 2 7.42 7.21 16.98
C GLU A 2 7.99 6.18 15.98
N GLN A 3 7.73 4.89 16.19
CA GLN A 3 8.10 3.81 15.27
C GLN A 3 7.34 3.89 13.93
N GLU A 4 6.04 4.16 13.96
CA GLU A 4 5.24 4.34 12.73
C GLU A 4 5.80 5.46 11.84
N LEU A 5 6.32 6.54 12.43
CA LEU A 5 6.99 7.65 11.73
C LEU A 5 8.20 7.23 10.86
N LEU A 6 8.78 6.06 11.12
CA LEU A 6 9.89 5.46 10.35
C LEU A 6 9.36 4.37 9.40
N GLU A 7 8.32 3.63 9.83
CA GLU A 7 7.61 2.62 9.03
C GLU A 7 6.64 3.22 7.99
N LEU A 8 6.50 4.56 7.88
CA LEU A 8 5.60 5.20 6.90
C LEU A 8 5.84 4.70 5.46
N ASP A 9 7.08 4.40 5.08
CA ASP A 9 7.42 3.80 3.78
C ASP A 9 6.82 2.40 3.59
N LYS A 10 6.78 1.58 4.65
CA LYS A 10 6.14 0.25 4.65
C LYS A 10 4.63 0.39 4.44
N TRP A 11 4.00 1.34 5.16
CA TRP A 11 2.56 1.61 5.05
C TRP A 11 2.16 2.32 3.75
N ALA A 12 3.05 3.13 3.18
CA ALA A 12 2.84 3.83 1.90
C ALA A 12 2.52 2.84 0.77
N SER A 13 3.22 1.71 0.72
CA SER A 13 2.95 0.64 -0.24
C SER A 13 1.69 -0.18 0.08
N LEU A 14 1.33 -0.31 1.36
CA LEU A 14 0.12 -1.02 1.81
C LEU A 14 -1.16 -0.33 1.30
N TRP A 15 -1.36 0.96 1.58
CA TRP A 15 -2.55 1.64 1.06
C TRP A 15 -2.47 1.83 -0.48
N ASN A 16 -1.27 1.99 -1.04
CA ASN A 16 -1.06 2.06 -2.49
C ASN A 16 -1.45 0.76 -3.22
N TRP A 17 -1.32 -0.41 -2.59
CA TRP A 17 -1.77 -1.68 -3.16
C TRP A 17 -3.25 -1.67 -3.57
N PHE A 18 -4.13 -1.00 -2.80
CA PHE A 18 -5.55 -0.86 -3.15
C PHE A 18 -5.78 -0.18 -4.51
N ASN A 19 -4.79 0.58 -5.01
CA ASN A 19 -4.82 1.20 -6.33
C ASN A 19 -4.52 0.15 -7.43
N ILE A 20 -3.43 -0.62 -7.32
CA ILE A 20 -3.04 -1.67 -8.27
C ILE A 20 -3.87 -2.96 -8.16
N THR A 21 -4.49 -3.27 -7.01
CA THR A 21 -5.37 -4.44 -6.83
C THR A 21 -6.52 -4.43 -7.85
N ASN A 22 -6.93 -3.23 -8.29
CA ASN A 22 -7.94 -3.07 -9.31
C ASN A 22 -7.43 -3.59 -10.68
N TRP A 23 -6.15 -3.37 -11.02
CA TRP A 23 -5.51 -3.77 -12.29
C TRP A 23 -5.51 -5.27 -12.50
N LEU A 24 -4.86 -6.00 -11.58
CA LEU A 24 -4.84 -7.47 -11.56
C LEU A 24 -6.25 -8.07 -11.59
N TRP A 25 -7.16 -7.63 -10.71
CA TRP A 25 -8.56 -8.08 -10.71
C TRP A 25 -9.31 -7.73 -12.01
N TYR A 26 -9.02 -6.57 -12.64
CA TYR A 26 -9.59 -6.15 -13.92
C TYR A 26 -9.22 -7.12 -15.05
N ILE A 27 -7.91 -7.42 -15.23
CA ILE A 27 -7.45 -8.35 -16.28
C ILE A 27 -7.83 -9.82 -16.00
N LYS A 28 -7.99 -10.22 -14.73
CA LYS A 28 -8.44 -11.56 -14.30
C LYS A 28 -9.89 -11.88 -14.71
N ASN A 1 4.79 6.58 18.94
CA ASN A 1 4.76 7.67 17.94
C ASN A 1 5.92 7.59 16.93
N GLU A 2 7.19 7.54 17.35
CA GLU A 2 8.33 7.49 16.42
C GLU A 2 8.40 6.20 15.56
N GLN A 3 7.95 5.06 16.11
CA GLN A 3 7.91 3.76 15.42
C GLN A 3 7.10 3.81 14.11
N GLU A 4 5.81 4.16 14.19
CA GLU A 4 4.96 4.28 13.00
C GLU A 4 5.47 5.35 12.01
N LEU A 5 6.09 6.43 12.52
CA LEU A 5 6.71 7.50 11.73
C LEU A 5 7.89 7.00 10.86
N LEU A 6 8.61 5.98 11.33
CA LEU A 6 9.70 5.32 10.58
C LEU A 6 9.14 4.27 9.59
N GLU A 7 8.12 3.52 10.01
CA GLU A 7 7.42 2.52 9.18
C GLU A 7 6.46 3.13 8.13
N LEU A 8 6.33 4.46 8.03
CA LEU A 8 5.43 5.11 7.04
C LEU A 8 5.66 4.61 5.61
N ASP A 9 6.91 4.33 5.21
CA ASP A 9 7.25 3.77 3.89
C ASP A 9 6.63 2.38 3.66
N LYS A 10 6.60 1.51 4.68
CA LYS A 10 5.95 0.18 4.67
C LYS A 10 4.44 0.31 4.51
N TRP A 11 3.82 1.25 5.23
CA TRP A 11 2.38 1.54 5.11
C TRP A 11 2.00 2.26 3.81
N ALA A 12 2.90 3.05 3.23
CA ALA A 12 2.70 3.74 1.96
C ALA A 12 2.39 2.73 0.83
N SER A 13 3.14 1.63 0.75
CA SER A 13 2.88 0.55 -0.20
C SER A 13 1.59 -0.22 0.09
N LEU A 14 1.20 -0.36 1.37
CA LEU A 14 -0.01 -1.06 1.78
C LEU A 14 -1.28 -0.37 1.27
N TRP A 15 -1.49 0.91 1.57
CA TRP A 15 -2.66 1.62 1.04
C TRP A 15 -2.57 1.80 -0.49
N ASN A 16 -1.37 1.97 -1.04
CA ASN A 16 -1.16 2.05 -2.49
C ASN A 16 -1.54 0.74 -3.23
N TRP A 17 -1.41 -0.43 -2.59
CA TRP A 17 -1.83 -1.71 -3.19
C TRP A 17 -3.31 -1.70 -3.61
N PHE A 18 -4.20 -1.07 -2.85
CA PHE A 18 -5.62 -0.92 -3.20
C PHE A 18 -5.83 -0.24 -4.57
N ASN A 19 -4.86 0.54 -5.04
CA ASN A 19 -4.88 1.16 -6.36
C ASN A 19 -4.55 0.14 -7.47
N ILE A 20 -3.46 -0.62 -7.34
CA ILE A 20 -3.05 -1.65 -8.32
C ILE A 20 -3.86 -2.96 -8.22
N THR A 21 -4.47 -3.29 -7.08
CA THR A 21 -5.35 -4.46 -6.92
C THR A 21 -6.50 -4.45 -7.93
N ASN A 22 -6.91 -3.25 -8.36
CA ASN A 22 -7.92 -3.06 -9.39
C ASN A 22 -7.42 -3.48 -10.79
N TRP A 23 -6.13 -3.37 -11.09
CA TRP A 23 -5.50 -3.72 -12.37
C TRP A 23 -5.48 -5.23 -12.59
N LEU A 24 -4.84 -5.97 -11.67
CA LEU A 24 -4.80 -7.43 -11.68
C LEU A 24 -6.22 -8.03 -11.71
N TRP A 25 -7.13 -7.61 -10.82
CA TRP A 25 -8.52 -8.04 -10.85
C TRP A 25 -9.25 -7.67 -12.17
N TYR A 26 -8.95 -6.52 -12.77
CA TYR A 26 -9.51 -6.10 -14.07
C TYR A 26 -9.12 -7.10 -15.19
N ILE A 27 -7.82 -7.41 -15.35
CA ILE A 27 -7.35 -8.32 -16.42
C ILE A 27 -7.72 -9.80 -16.18
N LYS A 28 -7.87 -10.23 -14.92
CA LYS A 28 -8.21 -11.61 -14.50
C LYS A 28 -9.72 -11.91 -14.57
N ASN A 1 2.33 6.46 17.54
CA ASN A 1 3.55 5.63 17.74
C ASN A 1 4.75 6.30 17.07
N GLU A 2 5.85 6.52 17.79
CA GLU A 2 7.07 7.15 17.23
C GLU A 2 7.74 6.28 16.15
N GLN A 3 7.73 4.95 16.31
CA GLN A 3 8.26 3.99 15.32
C GLN A 3 7.51 4.03 13.98
N GLU A 4 6.20 4.35 13.99
CA GLU A 4 5.40 4.46 12.77
C GLU A 4 5.92 5.56 11.84
N LEU A 5 6.49 6.65 12.38
CA LEU A 5 7.09 7.74 11.62
C LEU A 5 8.27 7.30 10.72
N LEU A 6 8.90 6.15 11.01
CA LEU A 6 9.96 5.52 10.24
C LEU A 6 9.41 4.43 9.31
N GLU A 7 8.40 3.69 9.78
CA GLU A 7 7.67 2.67 9.02
C GLU A 7 6.70 3.26 7.97
N LEU A 8 6.56 4.59 7.85
CA LEU A 8 5.67 5.24 6.87
C LEU A 8 5.91 4.72 5.44
N ASP A 9 7.14 4.42 5.04
CA ASP A 9 7.48 3.82 3.75
C ASP A 9 6.85 2.42 3.54
N LYS A 10 6.83 1.58 4.58
CA LYS A 10 6.17 0.26 4.60
C LYS A 10 4.66 0.41 4.43
N TRP A 11 4.04 1.36 5.15
CA TRP A 11 2.61 1.66 5.05
C TRP A 11 2.22 2.36 3.74
N ALA A 12 3.12 3.14 3.13
CA ALA A 12 2.90 3.81 1.85
C ALA A 12 2.51 2.79 0.76
N SER A 13 3.28 1.70 0.63
CA SER A 13 2.98 0.60 -0.29
C SER A 13 1.72 -0.20 0.10
N LEU A 14 1.37 -0.29 1.39
CA LEU A 14 0.16 -0.97 1.86
C LEU A 14 -1.10 -0.29 1.33
N TRP A 15 -1.29 1.01 1.58
CA TRP A 15 -2.46 1.72 1.04
C TRP A 15 -2.39 1.87 -0.48
N ASN A 16 -1.18 2.02 -1.06
CA ASN A 16 -0.99 2.07 -2.51
C ASN A 16 -1.41 0.76 -3.23
N TRP A 17 -1.29 -0.41 -2.58
CA TRP A 17 -1.76 -1.68 -3.14
C TRP A 17 -3.23 -1.65 -3.56
N PHE A 18 -4.11 -0.99 -2.78
CA PHE A 18 -5.53 -0.83 -3.12
C PHE A 18 -5.76 -0.17 -4.49
N ASN A 19 -4.78 0.60 -4.99
CA ASN A 19 -4.80 1.20 -6.31
C ASN A 19 -4.50 0.16 -7.42
N ILE A 20 -3.41 -0.61 -7.29
CA ILE A 20 -3.03 -1.67 -8.27
C ILE A 20 -3.86 -2.96 -8.14
N THR A 21 -4.47 -3.25 -6.99
CA THR A 21 -5.37 -4.42 -6.81
C THR A 21 -6.52 -4.40 -7.83
N ASN A 22 -6.94 -3.21 -8.27
CA ASN A 22 -7.95 -3.05 -9.31
C ASN A 22 -7.44 -3.51 -10.68
N TRP A 23 -6.14 -3.38 -11.00
CA TRP A 23 -5.54 -3.76 -12.29
C TRP A 23 -5.55 -5.27 -12.48
N LEU A 24 -4.91 -6.00 -11.57
CA LEU A 24 -4.90 -7.47 -11.55
C LEU A 24 -6.33 -8.05 -11.55
N TRP A 25 -7.22 -7.59 -10.66
CA TRP A 25 -8.63 -8.00 -10.67
C TRP A 25 -9.36 -7.67 -11.98
N TYR A 26 -9.07 -6.53 -12.61
CA TYR A 26 -9.62 -6.14 -13.92
C TYR A 26 -9.24 -7.14 -15.04
N ILE A 27 -7.95 -7.51 -15.16
CA ILE A 27 -7.49 -8.45 -16.21
C ILE A 27 -7.84 -9.93 -15.93
N LYS A 28 -8.03 -10.31 -14.66
CA LYS A 28 -8.52 -11.64 -14.21
C LYS A 28 -9.95 -11.96 -14.67
N ASN A 1 3.48 5.39 17.80
CA ASN A 1 3.58 6.86 17.62
C ASN A 1 4.83 7.23 16.81
N GLU A 2 6.03 7.15 17.41
CA GLU A 2 7.31 7.45 16.73
C GLU A 2 7.79 6.29 15.82
N GLN A 3 7.48 5.03 16.18
CA GLN A 3 7.81 3.84 15.39
C GLN A 3 7.17 3.87 13.99
N GLU A 4 5.86 4.13 13.90
CA GLU A 4 5.15 4.26 12.61
C GLU A 4 5.72 5.40 11.75
N LEU A 5 6.25 6.47 12.36
CA LEU A 5 6.88 7.62 11.67
C LEU A 5 8.07 7.21 10.80
N LEU A 6 8.78 6.14 11.19
CA LEU A 6 9.89 5.52 10.44
C LEU A 6 9.39 4.42 9.48
N GLU A 7 8.40 3.62 9.90
CA GLU A 7 7.74 2.59 9.07
C GLU A 7 6.75 3.15 8.03
N LEU A 8 6.56 4.47 7.96
CA LEU A 8 5.64 5.14 7.04
C LEU A 8 5.85 4.69 5.58
N ASP A 9 7.09 4.42 5.16
CA ASP A 9 7.46 3.89 3.84
C ASP A 9 6.87 2.48 3.59
N LYS A 10 6.86 1.60 4.60
CA LYS A 10 6.25 0.26 4.55
C LYS A 10 4.73 0.38 4.39
N TRP A 11 4.10 1.28 5.15
CA TRP A 11 2.66 1.56 5.04
C TRP A 11 2.26 2.29 3.75
N ALA A 12 3.16 3.09 3.16
CA ALA A 12 2.92 3.81 1.91
C ALA A 12 2.56 2.83 0.78
N SER A 13 3.28 1.70 0.69
CA SER A 13 3.01 0.64 -0.29
C SER A 13 1.78 -0.20 0.06
N LEU A 14 1.43 -0.34 1.36
CA LEU A 14 0.24 -1.06 1.81
C LEU A 14 -1.05 -0.37 1.32
N TRP A 15 -1.26 0.91 1.60
CA TRP A 15 -2.45 1.61 1.09
C TRP A 15 -2.39 1.78 -0.44
N ASN A 16 -1.20 1.97 -1.02
CA ASN A 16 -1.01 2.06 -2.47
C ASN A 16 -1.40 0.75 -3.20
N TRP A 17 -1.25 -0.43 -2.58
CA TRP A 17 -1.70 -1.70 -3.16
C TRP A 17 -3.19 -1.68 -3.54
N PHE A 18 -4.06 -1.05 -2.76
CA PHE A 18 -5.49 -0.90 -3.08
C PHE A 18 -5.73 -0.23 -4.43
N ASN A 19 -4.77 0.56 -4.93
CA ASN A 19 -4.82 1.18 -6.25
C ASN A 19 -4.52 0.17 -7.38
N ILE A 20 -3.42 -0.61 -7.27
CA ILE A 20 -3.05 -1.65 -8.26
C ILE A 20 -3.87 -2.94 -8.14
N THR A 21 -4.47 -3.24 -6.98
CA THR A 21 -5.36 -4.41 -6.80
C THR A 21 -6.52 -4.40 -7.81
N ASN A 22 -6.95 -3.21 -8.23
CA ASN A 22 -7.97 -3.06 -9.26
C ASN A 22 -7.47 -3.53 -10.64
N TRP A 23 -6.17 -3.37 -10.97
CA TRP A 23 -5.57 -3.73 -12.27
C TRP A 23 -5.57 -5.24 -12.49
N LEU A 24 -4.90 -5.98 -11.59
CA LEU A 24 -4.88 -7.44 -11.60
C LEU A 24 -6.30 -8.04 -11.60
N TRP A 25 -7.19 -7.60 -10.70
CA TRP A 25 -8.59 -8.03 -10.69
C TRP A 25 -9.35 -7.66 -11.98
N TYR A 26 -9.07 -6.51 -12.60
CA TYR A 26 -9.65 -6.10 -13.89
C TYR A 26 -9.28 -7.07 -15.03
N ILE A 27 -7.99 -7.40 -15.19
CA ILE A 27 -7.53 -8.32 -16.26
C ILE A 27 -7.90 -9.80 -16.00
N LYS A 28 -8.04 -10.20 -14.73
CA LYS A 28 -8.47 -11.54 -14.28
C LYS A 28 -9.90 -11.92 -14.74
N ASN A 1 2.92 6.62 18.05
CA ASN A 1 4.22 5.92 18.28
C ASN A 1 5.31 6.55 17.42
N GLU A 2 6.54 6.71 17.94
CA GLU A 2 7.64 7.33 17.18
C GLU A 2 8.18 6.42 16.05
N GLN A 3 8.27 5.12 16.30
CA GLN A 3 8.68 4.11 15.30
C GLN A 3 7.70 4.00 14.12
N GLU A 4 6.42 4.34 14.31
CA GLU A 4 5.42 4.38 13.23
C GLU A 4 5.84 5.36 12.13
N LEU A 5 6.34 6.55 12.50
CA LEU A 5 6.82 7.57 11.56
C LEU A 5 7.97 7.08 10.66
N LEU A 6 8.73 6.07 11.11
CA LEU A 6 9.80 5.41 10.34
C LEU A 6 9.22 4.31 9.42
N GLU A 7 8.16 3.64 9.85
CA GLU A 7 7.41 2.64 9.07
C GLU A 7 6.44 3.25 8.04
N LEU A 8 6.33 4.58 7.92
CA LEU A 8 5.49 5.26 6.93
C LEU A 8 5.73 4.74 5.49
N ASP A 9 6.97 4.39 5.13
CA ASP A 9 7.31 3.81 3.82
C ASP A 9 6.68 2.41 3.61
N LYS A 10 6.63 1.59 4.66
CA LYS A 10 5.97 0.27 4.68
C LYS A 10 4.46 0.42 4.48
N TRP A 11 3.85 1.39 5.17
CA TRP A 11 2.42 1.72 5.01
C TRP A 11 2.08 2.41 3.69
N ALA A 12 3.00 3.18 3.12
CA ALA A 12 2.83 3.84 1.82
C ALA A 12 2.50 2.83 0.72
N SER A 13 3.20 1.70 0.67
CA SER A 13 2.90 0.61 -0.27
C SER A 13 1.63 -0.17 0.08
N LEU A 14 1.24 -0.26 1.37
CA LEU A 14 0.01 -0.93 1.82
C LEU A 14 -1.24 -0.24 1.26
N TRP A 15 -1.42 1.06 1.49
CA TRP A 15 -2.58 1.76 0.92
C TRP A 15 -2.47 1.90 -0.61
N ASN A 16 -1.25 2.03 -1.16
CA ASN A 16 -1.02 2.06 -2.60
C ASN A 16 -1.43 0.76 -3.31
N TRP A 17 -1.34 -0.41 -2.64
CA TRP A 17 -1.81 -1.69 -3.21
C TRP A 17 -3.28 -1.63 -3.64
N PHE A 18 -4.16 -0.95 -2.91
CA PHE A 18 -5.57 -0.77 -3.28
C PHE A 18 -5.76 -0.12 -4.66
N ASN A 19 -4.75 0.61 -5.15
CA ASN A 19 -4.74 1.20 -6.48
C ASN A 19 -4.45 0.14 -7.56
N ILE A 20 -3.37 -0.65 -7.41
CA ILE A 20 -3.00 -1.74 -8.35
C ILE A 20 -3.86 -3.00 -8.21
N THR A 21 -4.50 -3.26 -7.06
CA THR A 21 -5.41 -4.41 -6.87
C THR A 21 -6.55 -4.41 -7.90
N ASN A 22 -6.93 -3.22 -8.39
CA ASN A 22 -7.92 -3.08 -9.45
C ASN A 22 -7.39 -3.56 -10.81
N TRP A 23 -6.08 -3.42 -11.11
CA TRP A 23 -5.45 -3.83 -12.36
C TRP A 23 -5.48 -5.35 -12.53
N LEU A 24 -4.87 -6.06 -11.57
CA LEU A 24 -4.87 -7.52 -11.54
C LEU A 24 -6.29 -8.09 -11.59
N TRP A 25 -7.20 -7.63 -10.73
CA TRP A 25 -8.61 -8.05 -10.76
C TRP A 25 -9.31 -7.72 -12.09
N TYR A 26 -9.01 -6.58 -12.73
CA TYR A 26 -9.55 -6.18 -14.03
C TYR A 26 -9.18 -7.18 -15.15
N ILE A 27 -7.90 -7.56 -15.28
CA ILE A 27 -7.44 -8.52 -16.30
C ILE A 27 -7.85 -9.98 -16.01
N LYS A 28 -8.04 -10.33 -14.72
CA LYS A 28 -8.48 -11.66 -14.23
C LYS A 28 -10.01 -11.89 -14.35
N ASN A 1 4.15 4.93 18.95
CA ASN A 1 3.78 5.94 17.94
C ASN A 1 4.97 6.44 17.11
N GLU A 2 6.12 6.79 17.71
CA GLU A 2 7.33 7.27 16.98
C GLU A 2 7.87 6.27 15.94
N GLN A 3 7.67 4.96 16.14
CA GLN A 3 8.05 3.92 15.17
C GLN A 3 7.28 4.07 13.85
N GLU A 4 5.98 4.40 13.91
CA GLU A 4 5.14 4.62 12.71
C GLU A 4 5.73 5.69 11.79
N LEU A 5 6.31 6.76 12.35
CA LEU A 5 6.99 7.85 11.62
C LEU A 5 8.20 7.38 10.77
N LEU A 6 8.75 6.20 11.06
CA LEU A 6 9.83 5.54 10.32
C LEU A 6 9.28 4.43 9.41
N GLU A 7 8.25 3.73 9.85
CA GLU A 7 7.52 2.71 9.09
C GLU A 7 6.58 3.30 8.02
N LEU A 8 6.48 4.63 7.86
CA LEU A 8 5.63 5.27 6.85
C LEU A 8 5.86 4.72 5.44
N ASP A 9 7.10 4.38 5.06
CA ASP A 9 7.44 3.75 3.79
C ASP A 9 6.80 2.35 3.60
N LYS A 10 6.71 1.56 4.68
CA LYS A 10 6.05 0.25 4.71
C LYS A 10 4.54 0.42 4.50
N TRP A 11 3.93 1.38 5.19
CA TRP A 11 2.50 1.72 5.04
C TRP A 11 2.16 2.40 3.71
N ALA A 12 3.09 3.15 3.12
CA ALA A 12 2.91 3.80 1.82
C ALA A 12 2.56 2.79 0.73
N SER A 13 3.25 1.64 0.70
CA SER A 13 2.95 0.54 -0.22
C SER A 13 1.65 -0.20 0.12
N LEU A 14 1.27 -0.28 1.41
CA LEU A 14 0.03 -0.92 1.86
C LEU A 14 -1.21 -0.22 1.30
N TRP A 15 -1.36 1.10 1.52
CA TRP A 15 -2.52 1.82 0.95
C TRP A 15 -2.41 1.95 -0.58
N ASN A 16 -1.20 2.07 -1.13
CA ASN A 16 -0.98 2.09 -2.59
C ASN A 16 -1.40 0.77 -3.28
N TRP A 17 -1.34 -0.38 -2.59
CA TRP A 17 -1.79 -1.66 -3.16
C TRP A 17 -3.26 -1.61 -3.60
N PHE A 18 -4.14 -0.92 -2.87
CA PHE A 18 -5.55 -0.72 -3.24
C PHE A 18 -5.72 -0.07 -4.63
N ASN A 19 -4.71 0.65 -5.12
CA ASN A 19 -4.69 1.23 -6.46
C ASN A 19 -4.40 0.16 -7.54
N ILE A 20 -3.33 -0.64 -7.37
CA ILE A 20 -2.97 -1.74 -8.30
C ILE A 20 -3.83 -3.01 -8.16
N THR A 21 -4.47 -3.25 -7.02
CA THR A 21 -5.40 -4.39 -6.82
C THR A 21 -6.53 -4.38 -7.85
N ASN A 22 -6.90 -3.19 -8.34
CA ASN A 22 -7.89 -3.02 -9.40
C ASN A 22 -7.36 -3.52 -10.76
N TRP A 23 -6.06 -3.44 -11.05
CA TRP A 23 -5.44 -3.86 -12.32
C TRP A 23 -5.48 -5.38 -12.47
N LEU A 24 -4.88 -6.10 -11.53
CA LEU A 24 -4.91 -7.57 -11.48
C LEU A 24 -6.35 -8.10 -11.50
N TRP A 25 -7.24 -7.60 -10.63
CA TRP A 25 -8.66 -7.99 -10.65
C TRP A 25 -9.36 -7.64 -11.99
N TYR A 26 -9.02 -6.51 -12.63
CA TYR A 26 -9.55 -6.14 -13.94
C TYR A 26 -9.18 -7.17 -15.04
N ILE A 27 -7.90 -7.54 -15.17
CA ILE A 27 -7.46 -8.51 -16.19
C ILE A 27 -7.89 -9.96 -15.91
N LYS A 28 -8.06 -10.34 -14.63
CA LYS A 28 -8.56 -11.67 -14.20
C LYS A 28 -10.00 -11.96 -14.64
N ASN A 1 3.56 6.04 17.76
CA ASN A 1 4.88 6.29 18.40
C ASN A 1 5.94 6.65 17.35
N GLU A 2 7.18 6.95 17.73
CA GLU A 2 8.27 7.26 16.79
C GLU A 2 8.47 6.19 15.70
N GLN A 3 8.36 4.90 16.05
CA GLN A 3 8.42 3.79 15.09
C GLN A 3 7.37 3.88 13.98
N GLU A 4 6.15 4.35 14.25
CA GLU A 4 5.09 4.51 13.23
C GLU A 4 5.52 5.53 12.15
N LEU A 5 6.05 6.67 12.57
CA LEU A 5 6.58 7.73 11.71
C LEU A 5 7.78 7.27 10.85
N LEU A 6 8.45 6.19 11.24
CA LEU A 6 9.55 5.55 10.49
C LEU A 6 9.02 4.44 9.56
N GLU A 7 8.01 3.69 10.00
CA GLU A 7 7.30 2.65 9.24
C GLU A 7 6.36 3.23 8.16
N LEU A 8 6.24 4.55 8.03
CA LEU A 8 5.42 5.23 7.03
C LEU A 8 5.68 4.73 5.60
N ASP A 9 6.93 4.38 5.24
CA ASP A 9 7.30 3.79 3.95
C ASP A 9 6.67 2.39 3.74
N LYS A 10 6.57 1.58 4.80
CA LYS A 10 5.92 0.25 4.81
C LYS A 10 4.41 0.41 4.57
N TRP A 11 3.78 1.37 5.26
CA TRP A 11 2.36 1.70 5.08
C TRP A 11 2.03 2.39 3.75
N ALA A 12 2.97 3.15 3.18
CA ALA A 12 2.81 3.80 1.88
C ALA A 12 2.46 2.79 0.78
N SER A 13 3.18 1.66 0.72
CA SER A 13 2.90 0.56 -0.21
C SER A 13 1.59 -0.19 0.11
N LEU A 14 1.18 -0.25 1.39
CA LEU A 14 -0.05 -0.91 1.82
C LEU A 14 -1.29 -0.20 1.25
N TRP A 15 -1.45 1.10 1.47
CA TRP A 15 -2.59 1.83 0.90
C TRP A 15 -2.47 1.94 -0.64
N ASN A 16 -1.24 2.05 -1.17
CA ASN A 16 -0.99 2.06 -2.61
C ASN A 16 -1.42 0.75 -3.31
N TRP A 17 -1.35 -0.41 -2.64
CA TRP A 17 -1.85 -1.68 -3.21
C TRP A 17 -3.32 -1.61 -3.64
N PHE A 18 -4.19 -0.91 -2.93
CA PHE A 18 -5.60 -0.72 -3.32
C PHE A 18 -5.76 -0.07 -4.71
N ASN A 19 -4.74 0.64 -5.18
CA ASN A 19 -4.69 1.23 -6.52
C ASN A 19 -4.40 0.15 -7.58
N ILE A 20 -3.34 -0.66 -7.40
CA ILE A 20 -2.97 -1.75 -8.34
C ILE A 20 -3.84 -3.01 -8.21
N THR A 21 -4.50 -3.27 -7.08
CA THR A 21 -5.44 -4.41 -6.91
C THR A 21 -6.54 -4.39 -7.97
N ASN A 22 -6.91 -3.19 -8.44
CA ASN A 22 -7.87 -2.99 -9.52
C ASN A 22 -7.34 -3.56 -10.85
N TRP A 23 -6.05 -3.42 -11.15
CA TRP A 23 -5.40 -3.86 -12.40
C TRP A 23 -5.45 -5.37 -12.55
N LEU A 24 -4.85 -6.11 -11.60
CA LEU A 24 -4.89 -7.57 -11.56
C LEU A 24 -6.32 -8.12 -11.59
N TRP A 25 -7.23 -7.63 -10.73
CA TRP A 25 -8.64 -8.02 -10.77
C TRP A 25 -9.33 -7.70 -12.12
N TYR A 26 -9.00 -6.57 -12.76
CA TYR A 26 -9.50 -6.19 -14.09
C TYR A 26 -9.10 -7.22 -15.18
N ILE A 27 -7.82 -7.62 -15.26
CA ILE A 27 -7.35 -8.60 -16.27
C ILE A 27 -7.75 -10.05 -15.97
N LYS A 28 -8.00 -10.39 -14.69
CA LYS A 28 -8.52 -11.68 -14.22
C LYS A 28 -10.00 -11.94 -14.58
N ASN A 1 5.51 5.81 19.64
CA ASN A 1 5.07 6.77 18.60
C ASN A 1 5.99 6.78 17.36
N GLU A 2 7.31 6.97 17.49
CA GLU A 2 8.23 7.09 16.34
C GLU A 2 8.25 5.87 15.40
N GLN A 3 7.93 4.68 15.92
CA GLN A 3 7.81 3.45 15.13
C GLN A 3 6.88 3.64 13.91
N GLU A 4 5.75 4.34 14.06
CA GLU A 4 4.84 4.67 12.97
C GLU A 4 5.46 5.67 11.98
N LEU A 5 6.05 6.77 12.48
CA LEU A 5 6.73 7.80 11.67
C LEU A 5 7.87 7.21 10.80
N LEU A 6 8.49 6.13 11.26
CA LEU A 6 9.54 5.40 10.54
C LEU A 6 8.96 4.34 9.59
N GLU A 7 7.88 3.64 9.98
CA GLU A 7 7.17 2.67 9.15
C GLU A 7 6.27 3.33 8.07
N LEU A 8 6.22 4.67 7.95
CA LEU A 8 5.41 5.33 6.90
C LEU A 8 5.69 4.78 5.49
N ASP A 9 6.94 4.39 5.18
CA ASP A 9 7.32 3.76 3.91
C ASP A 9 6.67 2.37 3.72
N LYS A 10 6.53 1.59 4.81
CA LYS A 10 5.85 0.28 4.84
C LYS A 10 4.36 0.48 4.57
N TRP A 11 3.72 1.43 5.27
CA TRP A 11 2.30 1.77 5.09
C TRP A 11 1.98 2.46 3.76
N ALA A 12 2.93 3.21 3.19
CA ALA A 12 2.79 3.85 1.88
C ALA A 12 2.45 2.83 0.79
N SER A 13 3.17 1.70 0.75
CA SER A 13 2.87 0.59 -0.18
C SER A 13 1.57 -0.15 0.17
N LEU A 14 1.15 -0.20 1.44
CA LEU A 14 -0.09 -0.86 1.86
C LEU A 14 -1.32 -0.16 1.27
N TRP A 15 -1.48 1.16 1.48
CA TRP A 15 -2.62 1.87 0.88
C TRP A 15 -2.48 1.98 -0.64
N ASN A 16 -1.25 2.08 -1.17
CA ASN A 16 -0.99 2.08 -2.62
C ASN A 16 -1.41 0.77 -3.31
N TRP A 17 -1.35 -0.38 -2.63
CA TRP A 17 -1.83 -1.66 -3.18
C TRP A 17 -3.29 -1.59 -3.64
N PHE A 18 -4.17 -0.88 -2.93
CA PHE A 18 -5.58 -0.69 -3.31
C PHE A 18 -5.73 -0.05 -4.71
N ASN A 19 -4.71 0.65 -5.19
CA ASN A 19 -4.68 1.24 -6.53
C ASN A 19 -4.40 0.14 -7.60
N ILE A 20 -3.35 -0.66 -7.42
CA ILE A 20 -2.96 -1.75 -8.35
C ILE A 20 -3.82 -3.01 -8.22
N THR A 21 -4.47 -3.25 -7.08
CA THR A 21 -5.42 -4.39 -6.90
C THR A 21 -6.54 -4.37 -7.94
N ASN A 22 -6.88 -3.18 -8.46
CA ASN A 22 -7.85 -3.04 -9.53
C ASN A 22 -7.32 -3.58 -10.86
N TRP A 23 -6.01 -3.48 -11.14
CA TRP A 23 -5.37 -3.91 -12.39
C TRP A 23 -5.41 -5.43 -12.55
N LEU A 24 -4.83 -6.15 -11.59
CA LEU A 24 -4.87 -7.61 -11.51
C LEU A 24 -6.31 -8.14 -11.55
N TRP A 25 -7.22 -7.63 -10.71
CA TRP A 25 -8.64 -8.01 -10.75
C TRP A 25 -9.33 -7.68 -12.10
N TYR A 26 -8.97 -6.57 -12.76
CA TYR A 26 -9.47 -6.20 -14.08
C TYR A 26 -9.08 -7.24 -15.16
N ILE A 27 -7.79 -7.63 -15.25
CA ILE A 27 -7.33 -8.60 -16.25
C ILE A 27 -7.75 -10.06 -15.95
N LYS A 28 -7.98 -10.41 -14.67
CA LYS A 28 -8.50 -11.72 -14.22
C LYS A 28 -9.85 -12.09 -14.87
N ASN A 1 4.44 6.20 18.78
CA ASN A 1 4.36 7.35 17.83
C ASN A 1 5.58 7.46 16.91
N GLU A 2 6.82 7.44 17.41
CA GLU A 2 8.01 7.53 16.51
C GLU A 2 8.21 6.29 15.63
N GLN A 3 7.94 5.09 16.15
CA GLN A 3 8.06 3.82 15.41
C GLN A 3 7.21 3.77 14.13
N GLU A 4 5.94 4.20 14.21
CA GLU A 4 5.04 4.28 13.04
C GLU A 4 5.48 5.37 12.05
N LEU A 5 6.07 6.49 12.51
CA LEU A 5 6.62 7.56 11.67
C LEU A 5 7.80 7.11 10.81
N LEU A 6 8.57 6.10 11.26
CA LEU A 6 9.67 5.49 10.51
C LEU A 6 9.17 4.38 9.57
N GLU A 7 8.15 3.62 9.98
CA GLU A 7 7.47 2.59 9.18
C GLU A 7 6.50 3.16 8.12
N LEU A 8 6.33 4.49 8.00
CA LEU A 8 5.45 5.11 6.99
C LEU A 8 5.74 4.62 5.56
N ASP A 9 7.00 4.37 5.20
CA ASP A 9 7.39 3.81 3.90
C ASP A 9 6.82 2.40 3.64
N LYS A 10 6.71 1.56 4.67
CA LYS A 10 6.09 0.22 4.64
C LYS A 10 4.58 0.35 4.43
N TRP A 11 3.92 1.23 5.20
CA TRP A 11 2.49 1.52 5.07
C TRP A 11 2.11 2.24 3.77
N ALA A 12 3.01 3.03 3.19
CA ALA A 12 2.81 3.71 1.90
C ALA A 12 2.47 2.71 0.79
N SER A 13 3.20 1.60 0.71
CA SER A 13 2.92 0.52 -0.24
C SER A 13 1.66 -0.29 0.11
N LEU A 14 1.29 -0.40 1.40
CA LEU A 14 0.08 -1.09 1.85
C LEU A 14 -1.18 -0.40 1.31
N TRP A 15 -1.38 0.89 1.59
CA TRP A 15 -2.57 1.58 1.06
C TRP A 15 -2.49 1.76 -0.47
N ASN A 16 -1.29 1.94 -1.04
CA ASN A 16 -1.09 2.03 -2.49
C ASN A 16 -1.46 0.72 -3.23
N TRP A 17 -1.34 -0.46 -2.59
CA TRP A 17 -1.78 -1.74 -3.18
C TRP A 17 -3.25 -1.71 -3.59
N PHE A 18 -4.14 -1.07 -2.83
CA PHE A 18 -5.57 -0.93 -3.18
C PHE A 18 -5.78 -0.24 -4.54
N ASN A 19 -4.81 0.54 -5.01
CA ASN A 19 -4.83 1.16 -6.33
C ASN A 19 -4.51 0.15 -7.45
N ILE A 20 -3.40 -0.62 -7.33
CA ILE A 20 -3.02 -1.66 -8.31
C ILE A 20 -3.85 -2.95 -8.20
N THR A 21 -4.48 -3.26 -7.06
CA THR A 21 -5.36 -4.43 -6.90
C THR A 21 -6.51 -4.42 -7.91
N ASN A 22 -6.93 -3.24 -8.35
CA ASN A 22 -7.94 -3.08 -9.39
C ASN A 22 -7.42 -3.53 -10.77
N TRP A 23 -6.12 -3.38 -11.08
CA TRP A 23 -5.49 -3.74 -12.35
C TRP A 23 -5.51 -5.24 -12.58
N LEU A 24 -4.87 -6.00 -11.66
CA LEU A 24 -4.86 -7.46 -11.67
C LEU A 24 -6.28 -8.05 -11.69
N TRP A 25 -7.18 -7.60 -10.80
CA TRP A 25 -8.59 -8.02 -10.81
C TRP A 25 -9.33 -7.64 -12.11
N TYR A 26 -9.03 -6.50 -12.73
CA TYR A 26 -9.59 -6.09 -14.03
C TYR A 26 -9.20 -7.07 -15.16
N ILE A 27 -7.91 -7.40 -15.31
CA ILE A 27 -7.45 -8.33 -16.36
C ILE A 27 -7.82 -9.80 -16.11
N LYS A 28 -7.99 -10.21 -14.84
CA LYS A 28 -8.42 -11.55 -14.40
C LYS A 28 -9.84 -11.92 -14.91
N ASN A 1 5.75 5.08 19.73
CA ASN A 1 5.07 6.21 19.04
C ASN A 1 5.85 6.62 17.78
N GLU A 2 7.06 7.16 17.92
CA GLU A 2 7.88 7.67 16.79
C GLU A 2 8.22 6.60 15.74
N GLN A 3 8.24 5.31 16.13
CA GLN A 3 8.44 4.17 15.24
C GLN A 3 7.38 4.11 14.11
N GLU A 4 6.16 4.59 14.36
CA GLU A 4 5.11 4.66 13.33
C GLU A 4 5.50 5.60 12.18
N LEU A 5 6.04 6.79 12.49
CA LEU A 5 6.55 7.75 11.48
C LEU A 5 7.72 7.17 10.67
N LEU A 6 8.45 6.19 11.21
CA LEU A 6 9.54 5.48 10.52
C LEU A 6 8.99 4.40 9.58
N GLU A 7 7.93 3.70 10.01
CA GLU A 7 7.19 2.69 9.23
C GLU A 7 6.29 3.27 8.13
N LEU A 8 6.19 4.60 7.96
CA LEU A 8 5.39 5.24 6.90
C LEU A 8 5.68 4.67 5.49
N ASP A 9 6.93 4.29 5.19
CA ASP A 9 7.31 3.68 3.92
C ASP A 9 6.68 2.28 3.70
N LYS A 10 6.48 1.52 4.78
CA LYS A 10 5.80 0.21 4.79
C LYS A 10 4.30 0.40 4.54
N TRP A 11 3.68 1.37 5.23
CA TRP A 11 2.27 1.74 5.03
C TRP A 11 1.97 2.41 3.69
N ALA A 12 2.94 3.12 3.11
CA ALA A 12 2.82 3.72 1.78
C ALA A 12 2.47 2.67 0.71
N SER A 13 3.18 1.55 0.69
CA SER A 13 2.87 0.42 -0.21
C SER A 13 1.55 -0.28 0.14
N LEU A 14 1.13 -0.30 1.42
CA LEU A 14 -0.15 -0.89 1.83
C LEU A 14 -1.34 -0.16 1.22
N TRP A 15 -1.47 1.15 1.42
CA TRP A 15 -2.60 1.89 0.81
C TRP A 15 -2.45 1.98 -0.72
N ASN A 16 -1.22 2.06 -1.25
CA ASN A 16 -0.97 2.03 -2.70
C ASN A 16 -1.40 0.71 -3.37
N TRP A 17 -1.38 -0.42 -2.66
CA TRP A 17 -1.88 -1.70 -3.22
C TRP A 17 -3.34 -1.62 -3.69
N PHE A 18 -4.21 -0.89 -2.99
CA PHE A 18 -5.60 -0.66 -3.42
C PHE A 18 -5.73 -0.03 -4.81
N ASN A 19 -4.68 0.65 -5.28
CA ASN A 19 -4.60 1.22 -6.62
C ASN A 19 -4.31 0.12 -7.68
N ILE A 20 -3.29 -0.71 -7.47
CA ILE A 20 -2.93 -1.81 -8.39
C ILE A 20 -3.82 -3.06 -8.25
N THR A 21 -4.50 -3.29 -7.13
CA THR A 21 -5.46 -4.40 -6.96
C THR A 21 -6.56 -4.37 -8.01
N ASN A 22 -6.90 -3.18 -8.52
CA ASN A 22 -7.86 -3.01 -9.60
C ASN A 22 -7.32 -3.55 -10.94
N TRP A 23 -6.01 -3.48 -11.21
CA TRP A 23 -5.36 -3.94 -12.45
C TRP A 23 -5.43 -5.46 -12.59
N LEU A 24 -4.87 -6.18 -11.61
CA LEU A 24 -4.92 -7.64 -11.53
C LEU A 24 -6.37 -8.17 -11.58
N TRP A 25 -7.28 -7.62 -10.77
CA TRP A 25 -8.71 -7.98 -10.81
C TRP A 25 -9.37 -7.65 -12.18
N TYR A 26 -9.00 -6.55 -12.83
CA TYR A 26 -9.48 -6.18 -14.17
C TYR A 26 -9.11 -7.23 -15.24
N ILE A 27 -7.83 -7.63 -15.32
CA ILE A 27 -7.37 -8.63 -16.32
C ILE A 27 -7.84 -10.07 -16.01
N LYS A 28 -8.18 -10.37 -14.74
CA LYS A 28 -8.71 -11.66 -14.25
C LYS A 28 -10.03 -12.09 -14.93
N ASN A 1 5.33 5.55 19.43
CA ASN A 1 4.93 6.56 18.41
C ASN A 1 5.99 6.74 17.31
N GLU A 2 7.28 6.90 17.65
CA GLU A 2 8.37 7.12 16.69
C GLU A 2 8.45 6.02 15.60
N GLN A 3 8.32 4.75 16.00
CA GLN A 3 8.28 3.59 15.11
C GLN A 3 7.18 3.71 14.03
N GLU A 4 5.98 4.19 14.37
CA GLU A 4 4.91 4.44 13.40
C GLU A 4 5.32 5.46 12.33
N LEU A 5 5.88 6.61 12.75
CA LEU A 5 6.37 7.65 11.82
C LEU A 5 7.56 7.20 10.96
N LEU A 6 8.29 6.17 11.39
CA LEU A 6 9.39 5.56 10.63
C LEU A 6 8.89 4.47 9.67
N GLU A 7 7.85 3.71 10.06
CA GLU A 7 7.16 2.70 9.26
C GLU A 7 6.24 3.31 8.18
N LEU A 8 6.13 4.64 8.06
CA LEU A 8 5.34 5.30 7.02
C LEU A 8 5.65 4.80 5.60
N ASP A 9 6.89 4.44 5.29
CA ASP A 9 7.28 3.85 3.99
C ASP A 9 6.65 2.46 3.76
N LYS A 10 6.50 1.65 4.81
CA LYS A 10 5.83 0.33 4.79
C LYS A 10 4.33 0.52 4.52
N TRP A 11 3.70 1.49 5.20
CA TRP A 11 2.30 1.84 4.99
C TRP A 11 2.03 2.53 3.64
N ALA A 12 3.00 3.28 3.11
CA ALA A 12 2.91 3.94 1.80
C ALA A 12 2.64 2.96 0.66
N SER A 13 3.25 1.76 0.70
CA SER A 13 2.98 0.69 -0.27
C SER A 13 1.66 -0.06 0.03
N LEU A 14 1.24 -0.14 1.29
CA LEU A 14 -0.01 -0.79 1.70
C LEU A 14 -1.23 -0.08 1.12
N TRP A 15 -1.38 1.23 1.32
CA TRP A 15 -2.51 1.96 0.71
C TRP A 15 -2.37 2.05 -0.83
N ASN A 16 -1.15 2.14 -1.37
CA ASN A 16 -0.93 2.12 -2.82
C ASN A 16 -1.35 0.79 -3.48
N TRP A 17 -1.30 -0.34 -2.76
CA TRP A 17 -1.80 -1.63 -3.29
C TRP A 17 -3.26 -1.56 -3.74
N PHE A 18 -4.13 -0.82 -3.03
CA PHE A 18 -5.54 -0.63 -3.43
C PHE A 18 -5.69 -0.01 -4.83
N ASN A 19 -4.66 0.68 -5.32
CA ASN A 19 -4.63 1.24 -6.67
C ASN A 19 -4.35 0.13 -7.73
N ILE A 20 -3.29 -0.68 -7.54
CA ILE A 20 -2.94 -1.80 -8.43
C ILE A 20 -3.82 -3.05 -8.27
N THR A 21 -4.47 -3.25 -7.13
CA THR A 21 -5.42 -4.38 -6.92
C THR A 21 -6.54 -4.39 -7.96
N ASN A 22 -6.90 -3.20 -8.48
CA ASN A 22 -7.87 -3.07 -9.56
C ASN A 22 -7.34 -3.60 -10.90
N TRP A 23 -6.03 -3.53 -11.18
CA TRP A 23 -5.40 -3.98 -12.42
C TRP A 23 -5.47 -5.49 -12.56
N LEU A 24 -4.88 -6.22 -11.59
CA LEU A 24 -4.94 -7.68 -11.50
C LEU A 24 -6.39 -8.19 -11.53
N TRP A 25 -7.28 -7.66 -10.67
CA TRP A 25 -8.71 -8.01 -10.70
C TRP A 25 -9.40 -7.69 -12.04
N TYR A 26 -9.03 -6.60 -12.73
CA TYR A 26 -9.54 -6.25 -14.06
C TYR A 26 -9.18 -7.31 -15.11
N ILE A 27 -7.90 -7.72 -15.21
CA ILE A 27 -7.45 -8.72 -16.19
C ILE A 27 -7.89 -10.15 -15.87
N LYS A 28 -8.11 -10.49 -14.59
CA LYS A 28 -8.61 -11.79 -14.10
C LYS A 28 -9.99 -12.16 -14.70
N ASN A 1 6.50 5.58 20.38
CA ASN A 1 7.89 5.37 19.91
C ASN A 1 8.09 5.95 18.51
N GLU A 2 9.28 6.48 18.23
CA GLU A 2 9.64 7.05 16.91
C GLU A 2 9.60 6.02 15.77
N GLN A 3 9.87 4.74 16.07
CA GLN A 3 9.82 3.62 15.11
C GLN A 3 8.45 3.51 14.42
N GLU A 4 7.35 3.55 15.18
CA GLU A 4 5.98 3.56 14.62
C GLU A 4 5.68 4.84 13.81
N LEU A 5 6.24 5.97 14.23
CA LEU A 5 6.14 7.26 13.53
C LEU A 5 6.80 7.24 12.13
N LEU A 6 7.72 6.29 11.90
CA LEU A 6 8.45 6.06 10.64
C LEU A 6 7.82 4.96 9.76
N GLU A 7 6.68 4.38 10.16
CA GLU A 7 5.90 3.39 9.39
C GLU A 7 5.24 3.99 8.13
N LEU A 8 5.42 5.29 7.83
CA LEU A 8 4.89 5.93 6.62
C LEU A 8 5.21 5.13 5.34
N ASP A 9 6.41 4.56 5.23
CA ASP A 9 6.83 3.67 4.12
C ASP A 9 5.97 2.40 4.00
N LYS A 10 5.61 1.77 5.13
CA LYS A 10 4.71 0.61 5.22
C LYS A 10 3.30 0.98 4.75
N TRP A 11 2.77 2.10 5.22
CA TRP A 11 1.47 2.62 4.78
C TRP A 11 1.45 3.12 3.33
N ALA A 12 2.59 3.59 2.80
CA ALA A 12 2.72 4.03 1.41
C ALA A 12 2.32 2.91 0.43
N SER A 13 2.83 1.69 0.66
CA SER A 13 2.47 0.50 -0.11
C SER A 13 1.02 0.04 0.13
N LEU A 14 0.46 0.24 1.34
CA LEU A 14 -0.92 -0.12 1.66
C LEU A 14 -1.93 0.65 0.81
N TRP A 15 -1.87 1.99 0.79
CA TRP A 15 -2.79 2.76 -0.07
C TRP A 15 -2.44 2.59 -1.57
N ASN A 16 -1.16 2.40 -1.91
CA ASN A 16 -0.74 2.12 -3.29
C ASN A 16 -1.31 0.80 -3.84
N TRP A 17 -1.53 -0.21 -3.00
CA TRP A 17 -2.16 -1.47 -3.42
C TRP A 17 -3.54 -1.27 -4.08
N PHE A 18 -4.34 -0.31 -3.64
CA PHE A 18 -5.63 0.03 -4.27
C PHE A 18 -5.49 0.45 -5.75
N ASN A 19 -4.30 0.88 -6.16
CA ASN A 19 -3.99 1.21 -7.56
C ASN A 19 -3.78 -0.09 -8.39
N ILE A 20 -2.92 -1.01 -7.91
CA ILE A 20 -2.63 -2.28 -8.61
C ILE A 20 -3.72 -3.36 -8.42
N THR A 21 -4.55 -3.31 -7.38
CA THR A 21 -5.69 -4.23 -7.19
C THR A 21 -6.63 -4.22 -8.40
N ASN A 22 -6.73 -3.09 -9.09
CA ASN A 22 -7.51 -2.96 -10.32
C ASN A 22 -6.89 -3.77 -11.48
N TRP A 23 -5.56 -3.95 -11.55
CA TRP A 23 -4.86 -4.68 -12.61
C TRP A 23 -5.16 -6.17 -12.55
N LEU A 24 -4.84 -6.80 -11.42
CA LEU A 24 -5.15 -8.21 -11.15
C LEU A 24 -6.64 -8.51 -11.31
N TRP A 25 -7.54 -7.72 -10.70
CA TRP A 25 -8.99 -7.88 -10.90
C TRP A 25 -9.44 -7.68 -12.36
N TYR A 26 -8.81 -6.77 -13.11
CA TYR A 26 -9.07 -6.55 -14.54
C TYR A 26 -8.76 -7.81 -15.37
N ILE A 27 -7.57 -8.41 -15.23
CA ILE A 27 -7.16 -9.59 -16.00
C ILE A 27 -7.87 -10.89 -15.56
N LYS A 28 -8.30 -10.99 -14.29
CA LYS A 28 -9.08 -12.12 -13.73
C LYS A 28 -10.41 -12.37 -14.48
N ASN A 1 4.00 4.27 19.05
CA ASN A 1 3.60 5.36 18.13
C ASN A 1 4.77 5.86 17.26
N GLU A 2 5.91 6.28 17.84
CA GLU A 2 7.07 6.82 17.09
C GLU A 2 7.60 5.91 15.97
N GLN A 3 7.45 4.58 16.09
CA GLN A 3 7.82 3.61 15.05
C GLN A 3 7.04 3.86 13.74
N GLU A 4 5.79 4.33 13.81
CA GLU A 4 4.98 4.66 12.62
C GLU A 4 5.65 5.73 11.76
N LEU A 5 6.24 6.77 12.37
CA LEU A 5 6.93 7.87 11.68
C LEU A 5 8.14 7.38 10.83
N LEU A 6 8.70 6.23 11.18
CA LEU A 6 9.80 5.56 10.47
C LEU A 6 9.26 4.52 9.46
N GLU A 7 8.21 3.78 9.84
CA GLU A 7 7.48 2.82 8.99
C GLU A 7 6.57 3.47 7.94
N LEU A 8 6.50 4.81 7.82
CA LEU A 8 5.68 5.49 6.81
C LEU A 8 5.93 4.95 5.39
N ASP A 9 7.16 4.57 5.05
CA ASP A 9 7.53 3.94 3.77
C ASP A 9 6.86 2.56 3.57
N LYS A 10 6.79 1.73 4.62
CA LYS A 10 6.11 0.42 4.65
C LYS A 10 4.60 0.61 4.42
N TRP A 11 3.99 1.56 5.13
CA TRP A 11 2.57 1.92 4.96
C TRP A 11 2.25 2.62 3.63
N ALA A 12 3.20 3.36 3.06
CA ALA A 12 3.06 4.01 1.76
C ALA A 12 2.78 3.00 0.64
N SER A 13 3.42 1.84 0.67
CA SER A 13 3.16 0.75 -0.28
C SER A 13 1.86 -0.01 0.02
N LEU A 14 1.44 -0.08 1.31
CA LEU A 14 0.19 -0.73 1.73
C LEU A 14 -1.05 -0.02 1.16
N TRP A 15 -1.19 1.29 1.36
CA TRP A 15 -2.33 2.01 0.76
C TRP A 15 -2.22 2.09 -0.78
N ASN A 16 -1.00 2.17 -1.34
CA ASN A 16 -0.81 2.14 -2.80
C ASN A 16 -1.26 0.81 -3.44
N TRP A 17 -1.20 -0.33 -2.71
CA TRP A 17 -1.71 -1.60 -3.24
C TRP A 17 -3.19 -1.53 -3.66
N PHE A 18 -4.04 -0.80 -2.94
CA PHE A 18 -5.45 -0.60 -3.31
C PHE A 18 -5.63 0.02 -4.71
N ASN A 19 -4.61 0.71 -5.22
CA ASN A 19 -4.59 1.26 -6.57
C ASN A 19 -4.32 0.16 -7.62
N ILE A 20 -3.27 -0.66 -7.44
CA ILE A 20 -2.94 -1.77 -8.35
C ILE A 20 -3.82 -3.03 -8.18
N THR A 21 -4.46 -3.24 -7.03
CA THR A 21 -5.41 -4.36 -6.80
C THR A 21 -6.53 -4.35 -7.84
N ASN A 22 -6.90 -3.17 -8.33
CA ASN A 22 -7.87 -2.99 -9.39
C ASN A 22 -7.38 -3.59 -10.72
N TRP A 23 -6.08 -3.48 -11.06
CA TRP A 23 -5.48 -3.95 -12.31
C TRP A 23 -5.54 -5.48 -12.42
N LEU A 24 -4.93 -6.18 -11.46
CA LEU A 24 -4.97 -7.64 -11.37
C LEU A 24 -6.40 -8.21 -11.36
N TRP A 25 -7.30 -7.66 -10.53
CA TRP A 25 -8.72 -8.06 -10.52
C TRP A 25 -9.43 -7.76 -11.86
N TYR A 26 -9.11 -6.64 -12.53
CA TYR A 26 -9.65 -6.27 -13.85
C TYR A 26 -9.30 -7.32 -14.93
N ILE A 27 -8.02 -7.71 -15.05
CA ILE A 27 -7.60 -8.71 -16.05
C ILE A 27 -8.00 -10.15 -15.70
N LYS A 28 -8.20 -10.47 -14.42
CA LYS A 28 -8.66 -11.79 -13.91
C LYS A 28 -10.19 -11.86 -13.72
#